data_5GKK
#
_entry.id   5GKK
#
_cell.length_a   32.203
_cell.length_b   113.886
_cell.length_c   44.922
_cell.angle_alpha   90.000
_cell.angle_beta   110.410
_cell.angle_gamma   90.000
#
_symmetry.space_group_name_H-M   'P 1 21 1'
#
loop_
_entity.id
_entity.type
_entity.pdbx_description
1 polymer 'Putative homing endonuclease'
2 water water
#
_entity_poly.entity_id   1
_entity_poly.type   'polypeptide(L)'
_entity_poly.pdbx_seq_one_letter_code
;MDLKPDWVVGFVDGEGCFYVGVSRNRTMKTGYQVLPEFRIVQHKRDIQVLYALRKFFGCGVVRKNHDDRYELRIRKRSCL
KKVVEFFEKHPLKTKKNVDFKKFRRILIMMERGEHLTKEGLIKILEIAMEMNTGNHERLKRTLEEIRGLDEDTVHPHSER
VGLEHHHHHH
;
_entity_poly.pdbx_strand_id   A,B
#
# COMPACT_ATOMS: atom_id res chain seq x y z
N MET A 1 -1.46 -9.21 16.10
CA MET A 1 -0.31 -8.35 16.32
C MET A 1 -0.75 -6.93 16.69
N ASP A 2 0.10 -6.21 17.42
CA ASP A 2 -0.17 -4.83 17.84
C ASP A 2 0.53 -3.86 16.90
N LEU A 3 -0.12 -2.75 16.59
CA LEU A 3 0.46 -1.80 15.63
C LEU A 3 0.76 -0.44 16.28
N LYS A 4 1.84 0.21 15.84
CA LYS A 4 2.09 1.60 16.29
C LYS A 4 1.34 2.56 15.39
N PRO A 5 0.77 3.65 15.96
CA PRO A 5 0.09 4.73 15.21
C PRO A 5 0.82 5.18 13.95
N ASP A 6 2.10 5.51 14.05
CA ASP A 6 2.85 5.97 12.88
C ASP A 6 2.88 4.91 11.76
N TRP A 7 2.91 3.64 12.17
CA TRP A 7 2.87 2.55 11.21
C TRP A 7 1.50 2.52 10.52
N VAL A 8 0.45 2.66 11.31
CA VAL A 8 -0.88 2.74 10.73
C VAL A 8 -1.00 3.85 9.69
N VAL A 9 -0.47 5.03 10.02
CA VAL A 9 -0.51 6.16 9.10
C VAL A 9 0.19 5.79 7.78
N GLY A 10 1.41 5.28 7.91
CA GLY A 10 2.21 4.86 6.76
C GLY A 10 1.45 3.87 5.88
N PHE A 11 0.92 2.83 6.50
CA PHE A 11 0.17 1.81 5.78
C PHE A 11 -1.10 2.38 5.10
N VAL A 12 -1.83 3.21 5.82
CA VAL A 12 -3.05 3.78 5.25
C VAL A 12 -2.69 4.78 4.15
N ASP A 13 -1.62 5.54 4.34
CA ASP A 13 -1.13 6.39 3.26
C ASP A 13 -0.94 5.57 1.99
N GLY A 14 -0.39 4.38 2.13
CA GLY A 14 -0.18 3.50 1.00
C GLY A 14 -1.43 2.77 0.50
N GLU A 15 -2.18 2.15 1.40
CA GLU A 15 -3.23 1.23 0.99
C GLU A 15 -4.67 1.65 1.34
N GLY A 16 -4.83 2.76 2.02
CA GLY A 16 -6.16 3.15 2.47
C GLY A 16 -7.03 3.79 1.41
N CYS A 17 -8.33 3.54 1.48
CA CYS A 17 -9.27 4.20 0.58
C CYS A 17 -10.46 4.78 1.33
N PHE A 18 -10.73 6.07 1.10
CA PHE A 18 -11.87 6.78 1.68
C PHE A 18 -12.92 6.88 0.59
N TYR A 19 -14.06 6.24 0.82
CA TYR A 19 -15.03 6.04 -0.22
C TYR A 19 -16.34 6.64 0.24
N VAL A 20 -17.05 7.28 -0.67
CA VAL A 20 -18.40 7.76 -0.40
C VAL A 20 -19.37 7.26 -1.46
N GLY A 21 -20.17 6.27 -1.12
CA GLY A 21 -21.15 5.75 -2.04
C GLY A 21 -22.52 6.38 -1.82
N VAL A 22 -23.47 6.04 -2.68
CA VAL A 22 -24.85 6.51 -2.52
C VAL A 22 -25.75 5.38 -3.00
N SER A 23 -26.87 5.18 -2.33
CA SER A 23 -27.84 4.23 -2.83
C SER A 23 -29.23 4.82 -2.64
N ARG A 24 -30.18 4.35 -3.41
CA ARG A 24 -31.58 4.68 -3.19
C ARG A 24 -32.05 4.09 -1.87
N ASN A 25 -32.91 4.82 -1.18
CA ASN A 25 -33.47 4.32 0.07
C ASN A 25 -34.80 5.02 0.26
N ARG A 26 -35.88 4.28 0.05
CA ARG A 26 -37.20 4.89 0.08
C ARG A 26 -37.57 5.49 1.44
N THR A 27 -36.93 5.02 2.51
CA THR A 27 -37.31 5.52 3.84
C THR A 27 -36.78 6.91 4.17
N MET A 28 -35.93 7.45 3.30
CA MET A 28 -35.41 8.81 3.47
C MET A 28 -36.26 9.74 2.61
N LYS A 29 -36.57 10.93 3.13
CA LYS A 29 -37.40 11.91 2.42
C LYS A 29 -36.73 12.33 1.11
N THR A 30 -35.41 12.27 1.12
CA THR A 30 -34.58 12.70 0.02
C THR A 30 -34.54 11.62 -1.07
N GLY A 31 -34.86 10.39 -0.68
CA GLY A 31 -34.81 9.26 -1.61
C GLY A 31 -33.49 8.51 -1.66
N TYR A 32 -32.50 8.96 -0.89
CA TYR A 32 -31.18 8.32 -0.92
C TYR A 32 -30.50 8.31 0.41
N GLN A 33 -29.49 7.46 0.50
CA GLN A 33 -28.64 7.33 1.67
C GLN A 33 -27.20 7.40 1.18
N VAL A 34 -26.42 8.30 1.78
CA VAL A 34 -24.99 8.40 1.57
C VAL A 34 -24.30 7.34 2.45
N LEU A 35 -23.30 6.68 1.90
CA LEU A 35 -22.63 5.59 2.59
C LEU A 35 -21.14 5.80 2.59
N PRO A 36 -20.65 6.62 3.51
CA PRO A 36 -19.20 6.82 3.56
C PRO A 36 -18.60 5.52 4.06
N GLU A 37 -17.40 5.19 3.60
CA GLU A 37 -16.67 4.08 4.17
C GLU A 37 -15.16 4.15 3.94
N PHE A 38 -14.46 3.49 4.84
CA PHE A 38 -13.02 3.40 4.81
C PHE A 38 -12.73 1.93 4.54
N ARG A 39 -11.95 1.66 3.50
CA ARG A 39 -11.62 0.31 3.18
C ARG A 39 -10.14 0.17 3.03
N ILE A 40 -9.66 -1.02 3.34
CA ILE A 40 -8.27 -1.41 3.09
C ILE A 40 -8.28 -2.83 2.52
N VAL A 41 -7.72 -3.02 1.33
CA VAL A 41 -7.73 -4.31 0.65
C VAL A 41 -6.34 -4.97 0.68
N GLN A 42 -6.30 -6.28 0.93
CA GLN A 42 -5.04 -7.01 0.98
C GLN A 42 -5.21 -8.38 0.35
N HIS A 43 -4.09 -8.93 -0.12
CA HIS A 43 -4.09 -10.32 -0.56
C HIS A 43 -4.31 -11.21 0.66
N LYS A 44 -4.94 -12.36 0.45
CA LYS A 44 -5.31 -13.25 1.54
C LYS A 44 -4.15 -13.68 2.46
N ARG A 45 -2.93 -13.71 1.95
CA ARG A 45 -1.80 -14.09 2.79
C ARG A 45 -1.54 -13.06 3.88
N ASP A 46 -2.12 -11.87 3.70
CA ASP A 46 -1.92 -10.80 4.64
C ASP A 46 -3.21 -10.49 5.38
N ILE A 47 -4.00 -11.51 5.59
CA ILE A 47 -5.24 -11.40 6.26
C ILE A 47 -4.95 -10.89 7.69
N GLN A 48 -3.87 -11.35 8.28
CA GLN A 48 -3.57 -10.98 9.66
C GLN A 48 -3.50 -9.44 9.86
N VAL A 49 -2.96 -8.74 8.87
CA VAL A 49 -2.83 -7.29 8.98
C VAL A 49 -4.19 -6.61 9.06
N LEU A 50 -5.16 -7.16 8.35
CA LEU A 50 -6.51 -6.61 8.34
C LEU A 50 -7.13 -6.74 9.72
N TYR A 51 -6.91 -7.89 10.36
CA TYR A 51 -7.41 -8.08 11.72
C TYR A 51 -6.66 -7.22 12.73
N ALA A 52 -5.39 -6.95 12.48
CA ALA A 52 -4.62 -6.04 13.34
C ALA A 52 -5.18 -4.60 13.28
N LEU A 53 -5.59 -4.19 12.09
CA LEU A 53 -6.09 -2.82 11.90
C LEU A 53 -7.47 -2.70 12.53
N ARG A 54 -8.24 -3.78 12.40
CA ARG A 54 -9.54 -3.90 13.03
C ARG A 54 -9.37 -3.79 14.54
N LYS A 55 -8.37 -4.46 15.08
CA LYS A 55 -8.11 -4.41 16.52
C LYS A 55 -7.60 -3.04 16.92
N PHE A 56 -6.76 -2.45 16.08
CA PHE A 56 -6.25 -1.11 16.35
C PHE A 56 -7.39 -0.08 16.47
N PHE A 57 -8.38 -0.15 15.59
CA PHE A 57 -9.46 0.83 15.57
C PHE A 57 -10.58 0.38 16.50
N GLY A 58 -10.58 -0.91 16.83
CA GLY A 58 -11.55 -1.46 17.77
C GLY A 58 -12.92 -1.65 17.13
N CYS A 59 -12.96 -1.63 15.80
CA CYS A 59 -14.23 -1.74 15.08
C CYS A 59 -14.00 -2.07 13.60
N GLY A 60 -15.08 -2.36 12.88
CA GLY A 60 -14.96 -2.72 11.47
C GLY A 60 -15.16 -4.19 11.18
N VAL A 61 -15.34 -4.52 9.92
CA VAL A 61 -15.57 -5.90 9.52
C VAL A 61 -14.52 -6.31 8.51
N VAL A 62 -13.93 -7.48 8.72
CA VAL A 62 -13.07 -8.08 7.70
C VAL A 62 -13.87 -9.07 6.86
N ARG A 63 -13.79 -8.95 5.54
CA ARG A 63 -14.68 -9.72 4.66
C ARG A 63 -13.98 -10.01 3.34
N LYS A 64 -14.53 -10.94 2.57
CA LYS A 64 -13.98 -11.25 1.26
C LYS A 64 -14.20 -10.06 0.32
N ASN A 65 -13.20 -9.77 -0.50
CA ASN A 65 -13.35 -8.79 -1.56
C ASN A 65 -13.71 -9.39 -2.91
N HIS A 66 -12.71 -9.87 -3.63
CA HIS A 66 -12.92 -10.59 -4.89
C HIS A 66 -11.73 -11.51 -5.07
N ASP A 67 -11.98 -12.67 -5.63
CA ASP A 67 -10.90 -13.58 -5.94
C ASP A 67 -10.13 -13.88 -4.69
N ASP A 68 -8.83 -13.61 -4.74
CA ASP A 68 -7.95 -13.91 -3.61
C ASP A 68 -7.73 -12.73 -2.66
N ARG A 69 -8.64 -11.76 -2.68
CA ARG A 69 -8.48 -10.56 -1.85
C ARG A 69 -9.51 -10.43 -0.73
N TYR A 70 -9.10 -9.76 0.36
CA TYR A 70 -9.95 -9.52 1.51
C TYR A 70 -9.89 -8.05 1.89
N GLU A 71 -10.88 -7.58 2.66
CA GLU A 71 -11.03 -6.17 2.97
C GLU A 71 -11.33 -6.02 4.44
N LEU A 72 -10.72 -5.04 5.07
CA LEU A 72 -11.28 -4.39 6.25
C LEU A 72 -12.20 -3.29 5.78
N ARG A 73 -13.47 -3.36 6.17
CA ARG A 73 -14.42 -2.33 5.79
C ARG A 73 -15.00 -1.68 7.04
N ILE A 74 -14.90 -0.36 7.11
CA ILE A 74 -15.46 0.35 8.23
C ILE A 74 -16.57 1.27 7.73
N ARG A 75 -17.76 1.09 8.31
CA ARG A 75 -18.99 1.66 7.80
C ARG A 75 -19.84 2.32 8.89
N LYS A 76 -19.80 1.77 10.09
CA LYS A 76 -20.69 2.23 11.15
C LYS A 76 -20.24 3.61 11.60
N ARG A 77 -21.18 4.47 11.92
CA ARG A 77 -20.90 5.87 12.17
C ARG A 77 -19.97 6.04 13.36
N SER A 78 -20.15 5.20 14.36
CA SER A 78 -19.34 5.31 15.56
C SER A 78 -17.91 4.85 15.24
N CYS A 79 -17.76 3.94 14.29
CA CYS A 79 -16.41 3.49 13.92
C CYS A 79 -15.72 4.52 13.02
N LEU A 80 -16.46 5.05 12.03
CA LEU A 80 -15.93 6.09 11.16
C LEU A 80 -15.43 7.29 11.96
N LYS A 81 -16.10 7.57 13.07
CA LYS A 81 -15.76 8.69 13.93
C LYS A 81 -14.39 8.47 14.56
N LYS A 82 -14.15 7.25 15.06
CA LYS A 82 -12.83 6.83 15.56
C LYS A 82 -11.76 6.90 14.48
N VAL A 83 -12.09 6.50 13.25
CA VAL A 83 -11.11 6.67 12.17
C VAL A 83 -10.81 8.15 11.90
N VAL A 84 -11.83 9.00 11.88
CA VAL A 84 -11.62 10.42 11.63
C VAL A 84 -10.77 11.03 12.71
N GLU A 85 -11.08 10.75 13.96
CA GLU A 85 -10.27 11.34 15.01
C GLU A 85 -8.83 10.83 15.05
N PHE A 86 -8.62 9.59 14.64
CA PHE A 86 -7.25 9.09 14.55
C PHE A 86 -6.42 9.91 13.58
N PHE A 87 -6.93 10.13 12.37
CA PHE A 87 -6.18 10.86 11.34
C PHE A 87 -6.15 12.37 11.50
N GLU A 88 -7.01 12.89 12.36
CA GLU A 88 -6.84 14.27 12.87
C GLU A 88 -5.58 14.36 13.74
N LYS A 89 -5.40 13.39 14.63
CA LYS A 89 -4.25 13.37 15.53
C LYS A 89 -2.95 13.03 14.84
N HIS A 90 -3.02 12.10 13.89
CA HIS A 90 -1.85 11.64 13.16
C HIS A 90 -2.11 11.81 11.68
N PRO A 91 -1.78 12.99 11.14
CA PRO A 91 -2.15 13.30 9.75
C PRO A 91 -1.46 12.41 8.72
N LEU A 92 -2.16 12.15 7.63
CA LEU A 92 -1.58 11.41 6.52
C LEU A 92 -0.54 12.31 5.85
N LYS A 93 0.44 11.69 5.20
CA LYS A 93 1.54 12.42 4.58
C LYS A 93 1.35 12.59 3.06
N THR A 94 0.66 11.64 2.43
CA THR A 94 0.52 11.66 0.97
C THR A 94 -0.76 12.43 0.58
N LYS A 95 -1.13 12.38 -0.69
CA LYS A 95 -2.32 13.10 -1.09
C LYS A 95 -3.58 12.30 -0.79
N LYS A 96 -3.41 11.18 -0.08
CA LYS A 96 -4.53 10.55 0.60
C LYS A 96 -5.15 11.53 1.62
N ASN A 97 -4.37 12.52 2.07
CA ASN A 97 -4.90 13.49 3.03
C ASN A 97 -6.00 14.34 2.41
N VAL A 98 -5.86 14.65 1.13
CA VAL A 98 -6.87 15.42 0.40
C VAL A 98 -8.21 14.67 0.35
N ASP A 99 -8.15 13.38 0.05
CA ASP A 99 -9.35 12.55 0.07
C ASP A 99 -9.93 12.49 1.49
N PHE A 100 -9.04 12.31 2.47
CA PHE A 100 -9.44 12.20 3.85
C PHE A 100 -10.16 13.43 4.31
N LYS A 101 -9.64 14.58 3.90
CA LYS A 101 -10.23 15.84 4.29
C LYS A 101 -11.62 16.02 3.70
N LYS A 102 -11.81 15.58 2.45
CA LYS A 102 -13.13 15.64 1.82
C LYS A 102 -14.10 14.67 2.49
N PHE A 103 -13.58 13.50 2.82
CA PHE A 103 -14.32 12.46 3.56
C PHE A 103 -14.79 12.97 4.92
N ARG A 104 -13.88 13.63 5.63
CA ARG A 104 -14.20 14.15 6.95
C ARG A 104 -15.27 15.24 6.87
N ARG A 105 -15.14 16.12 5.87
CA ARG A 105 -16.13 17.17 5.67
C ARG A 105 -17.53 16.57 5.51
N ILE A 106 -17.63 15.52 4.69
CA ILE A 106 -18.89 14.86 4.46
C ILE A 106 -19.48 14.24 5.75
N LEU A 107 -18.65 13.54 6.52
CA LEU A 107 -19.11 12.96 7.77
C LEU A 107 -19.57 14.04 8.75
N ILE A 108 -18.82 15.14 8.82
CA ILE A 108 -19.22 16.26 9.68
C ILE A 108 -20.59 16.76 9.23
N MET A 109 -20.75 16.91 7.92
CA MET A 109 -22.06 17.30 7.39
C MET A 109 -23.16 16.31 7.77
N MET A 110 -22.88 15.02 7.71
CA MET A 110 -23.90 13.99 7.97
C MET A 110 -24.26 13.90 9.46
N GLU A 111 -23.28 14.19 10.32
CA GLU A 111 -23.52 14.29 11.75
C GLU A 111 -24.50 15.43 12.07
N ARG A 112 -24.35 16.54 11.34
CA ARG A 112 -25.24 17.71 11.45
C ARG A 112 -26.60 17.52 10.75
N GLY A 113 -26.81 16.36 10.15
CA GLY A 113 -28.07 16.05 9.49
C GLY A 113 -28.29 16.72 8.13
N GLU A 114 -27.25 17.37 7.60
CA GLU A 114 -27.32 18.07 6.32
C GLU A 114 -27.73 17.19 5.14
N HIS A 115 -27.49 15.90 5.26
CA HIS A 115 -27.92 14.96 4.23
C HIS A 115 -29.44 14.76 4.21
N LEU A 116 -30.13 15.39 5.16
CA LEU A 116 -31.59 15.26 5.24
C LEU A 116 -32.27 16.30 4.39
N THR A 117 -31.50 17.30 3.98
CA THR A 117 -32.00 18.35 3.11
C THR A 117 -31.47 18.19 1.68
N LYS A 118 -32.24 18.65 0.71
CA LYS A 118 -31.89 18.51 -0.70
C LYS A 118 -30.56 19.15 -0.97
N GLU A 119 -30.38 20.40 -0.51
CA GLU A 119 -29.16 21.16 -0.78
C GLU A 119 -28.00 20.55 -0.05
N GLY A 120 -28.25 19.97 1.11
CA GLY A 120 -27.18 19.39 1.88
C GLY A 120 -26.68 18.11 1.22
N LEU A 121 -27.61 17.30 0.73
CA LEU A 121 -27.28 16.07 0.01
C LEU A 121 -26.54 16.37 -1.30
N ILE A 122 -27.08 17.32 -2.04
CA ILE A 122 -26.41 17.78 -3.27
C ILE A 122 -24.97 18.19 -3.01
N LYS A 123 -24.76 19.01 -1.99
CA LYS A 123 -23.40 19.41 -1.63
C LYS A 123 -22.51 18.22 -1.31
N ILE A 124 -23.07 17.24 -0.63
CA ILE A 124 -22.33 16.02 -0.30
C ILE A 124 -21.91 15.25 -1.56
N LEU A 125 -22.83 15.12 -2.51
CA LEU A 125 -22.53 14.42 -3.76
C LEU A 125 -21.46 15.20 -4.51
N GLU A 126 -21.55 16.51 -4.47
CA GLU A 126 -20.60 17.36 -5.19
C GLU A 126 -19.21 17.22 -4.62
N ILE A 127 -19.09 17.23 -3.30
CA ILE A 127 -17.80 16.97 -2.66
C ILE A 127 -17.29 15.55 -3.00
N ALA A 128 -18.15 14.56 -2.91
CA ALA A 128 -17.75 13.17 -3.22
C ALA A 128 -17.13 13.09 -4.63
N MET A 129 -17.72 13.78 -5.59
CA MET A 129 -17.20 13.77 -6.96
C MET A 129 -15.81 14.38 -7.14
N GLU A 130 -15.41 15.27 -6.23
CA GLU A 130 -14.07 15.81 -6.22
C GLU A 130 -13.06 14.82 -5.63
N MET A 131 -13.55 13.68 -5.13
CA MET A 131 -12.66 12.70 -4.53
C MET A 131 -12.09 11.71 -5.57
N ASN A 132 -10.91 11.19 -5.27
CA ASN A 132 -10.26 10.20 -6.12
C ASN A 132 -10.73 8.80 -5.79
N THR A 133 -11.97 8.48 -6.06
CA THR A 133 -12.46 7.13 -5.89
C THR A 133 -13.12 6.76 -7.18
N GLY A 134 -13.24 5.47 -7.44
CA GLY A 134 -13.88 5.03 -8.66
C GLY A 134 -15.36 4.92 -8.47
N ASN A 135 -16.06 6.06 -8.35
CA ASN A 135 -17.52 6.06 -8.44
C ASN A 135 -18.18 7.28 -9.10
N HIS A 136 -17.47 8.01 -9.93
CA HIS A 136 -18.01 9.29 -10.43
C HIS A 136 -19.31 9.37 -11.18
N GLU A 137 -19.45 8.47 -12.17
CA GLU A 137 -20.60 8.39 -13.06
C GLU A 137 -21.86 8.02 -12.28
N ARG A 138 -21.68 7.33 -11.16
CA ARG A 138 -22.83 6.95 -10.33
C ARG A 138 -23.34 8.16 -9.56
N LEU A 139 -22.39 8.93 -9.01
CA LEU A 139 -22.71 10.17 -8.32
C LEU A 139 -23.38 11.16 -9.27
N LYS A 140 -22.86 11.23 -10.48
CA LYS A 140 -23.42 12.11 -11.51
C LYS A 140 -24.86 11.77 -11.89
N ARG A 141 -25.15 10.48 -12.09
CA ARG A 141 -26.51 10.05 -12.36
C ARG A 141 -27.44 10.41 -11.21
N THR A 142 -26.98 10.23 -9.97
CA THR A 142 -27.77 10.55 -8.78
C THR A 142 -28.16 12.07 -8.74
N LEU A 143 -27.21 12.95 -9.02
CA LEU A 143 -27.51 14.37 -9.07
C LEU A 143 -28.59 14.65 -10.13
N GLU A 144 -28.48 14.02 -11.29
CA GLU A 144 -29.48 14.19 -12.35
C GLU A 144 -30.85 13.71 -11.94
N GLU A 145 -30.93 12.60 -11.23
CA GLU A 145 -32.20 12.09 -10.71
C GLU A 145 -32.78 13.10 -9.75
N ILE A 146 -31.93 13.58 -8.85
CA ILE A 146 -32.37 14.55 -7.86
C ILE A 146 -32.94 15.82 -8.53
N ARG A 147 -32.29 16.30 -9.57
CA ARG A 147 -32.74 17.54 -10.21
C ARG A 147 -33.75 17.29 -11.33
N MET B 1 9.07 17.61 3.48
CA MET B 1 8.56 16.34 3.98
C MET B 1 9.48 15.73 5.03
N ASP B 2 8.91 15.41 6.20
CA ASP B 2 9.62 14.71 7.26
C ASP B 2 8.92 13.38 7.56
N LEU B 3 9.68 12.30 7.52
CA LEU B 3 9.10 10.96 7.69
C LEU B 3 9.62 10.29 8.94
N LYS B 4 8.73 9.72 9.75
CA LYS B 4 9.13 8.95 10.93
C LYS B 4 9.28 7.46 10.64
N PRO B 5 10.38 6.89 11.10
CA PRO B 5 10.76 5.51 10.77
C PRO B 5 9.56 4.57 10.69
N ASP B 6 8.67 4.59 11.69
CA ASP B 6 7.54 3.68 11.67
C ASP B 6 6.53 4.03 10.59
N TRP B 7 6.51 5.30 10.20
CA TRP B 7 5.70 5.68 9.05
C TRP B 7 6.31 5.00 7.81
N VAL B 8 7.63 5.07 7.67
CA VAL B 8 8.30 4.42 6.54
C VAL B 8 8.04 2.89 6.48
N VAL B 9 8.14 2.24 7.62
CA VAL B 9 7.81 0.80 7.72
C VAL B 9 6.36 0.53 7.28
N GLY B 10 5.40 1.30 7.77
CA GLY B 10 4.03 1.18 7.32
C GLY B 10 3.87 1.36 5.81
N PHE B 11 4.46 2.42 5.27
CA PHE B 11 4.32 2.71 3.85
C PHE B 11 4.94 1.60 2.96
N VAL B 12 6.04 1.02 3.43
CA VAL B 12 6.73 0.01 2.65
C VAL B 12 5.99 -1.35 2.77
N ASP B 13 5.45 -1.64 3.95
CA ASP B 13 4.56 -2.80 4.13
C ASP B 13 3.43 -2.69 3.11
N GLY B 14 2.95 -1.46 2.88
CA GLY B 14 1.90 -1.23 1.91
C GLY B 14 2.34 -1.26 0.44
N GLU B 15 3.41 -0.52 0.14
CA GLU B 15 3.79 -0.18 -1.23
C GLU B 15 5.14 -0.71 -1.72
N GLY B 16 5.96 -1.23 -0.83
CA GLY B 16 7.31 -1.60 -1.20
C GLY B 16 7.40 -3.00 -1.81
N CYS B 17 8.43 -3.21 -2.61
CA CYS B 17 8.63 -4.48 -3.29
C CYS B 17 10.10 -4.88 -3.24
N PHE B 18 10.37 -6.06 -2.69
CA PHE B 18 11.70 -6.63 -2.70
C PHE B 18 11.74 -7.65 -3.82
N TYR B 19 12.68 -7.48 -4.73
CA TYR B 19 12.69 -8.30 -5.95
C TYR B 19 14.09 -8.82 -6.21
N VAL B 20 14.19 -10.05 -6.69
CA VAL B 20 15.45 -10.56 -7.20
C VAL B 20 15.27 -11.14 -8.60
N GLY B 21 15.84 -10.47 -9.59
CA GLY B 21 15.73 -10.93 -10.97
C GLY B 21 17.00 -11.68 -11.33
N VAL B 22 16.92 -12.52 -12.36
CA VAL B 22 18.11 -13.14 -12.92
C VAL B 22 17.98 -13.04 -14.44
N SER B 23 19.07 -12.62 -15.07
CA SER B 23 19.08 -12.43 -16.51
C SER B 23 20.30 -13.14 -17.03
N ARG B 24 20.25 -13.56 -18.28
CA ARG B 24 21.43 -14.14 -18.92
C ARG B 24 22.43 -13.01 -19.09
N ASN B 25 23.70 -13.30 -18.84
CA ASN B 25 24.77 -12.32 -19.03
C ASN B 25 26.06 -13.11 -19.16
N ARG B 26 26.46 -13.38 -20.40
CA ARG B 26 27.48 -14.40 -20.68
C ARG B 26 28.88 -13.92 -20.37
N THR B 27 29.00 -12.69 -19.89
CA THR B 27 30.27 -12.17 -19.36
C THR B 27 30.63 -12.91 -18.08
N MET B 28 29.60 -13.21 -17.28
CA MET B 28 29.80 -13.80 -15.97
C MET B 28 30.26 -15.21 -16.17
N LYS B 29 31.10 -15.72 -15.30
CA LYS B 29 31.61 -17.05 -15.52
C LYS B 29 30.39 -17.97 -15.53
N THR B 30 29.46 -17.70 -14.62
CA THR B 30 28.33 -18.56 -14.41
C THR B 30 27.36 -18.42 -15.61
N GLY B 31 27.50 -17.35 -16.37
CA GLY B 31 26.59 -17.06 -17.48
C GLY B 31 25.37 -16.21 -17.12
N TYR B 32 25.21 -15.86 -15.84
CA TYR B 32 24.00 -15.19 -15.38
C TYR B 32 24.33 -14.06 -14.42
N GLN B 33 23.41 -13.12 -14.31
CA GLN B 33 23.56 -12.01 -13.40
C GLN B 33 22.37 -12.00 -12.47
N VAL B 34 22.62 -11.83 -11.17
CA VAL B 34 21.55 -11.71 -10.22
C VAL B 34 21.33 -10.21 -9.98
N LEU B 35 20.07 -9.78 -9.96
CA LEU B 35 19.72 -8.35 -9.85
C LEU B 35 18.75 -8.07 -8.73
N PRO B 36 19.24 -7.86 -7.52
CA PRO B 36 18.29 -7.58 -6.45
C PRO B 36 17.90 -6.10 -6.53
N GLU B 37 16.64 -5.81 -6.25
CA GLU B 37 16.20 -4.43 -6.25
C GLU B 37 15.01 -4.21 -5.35
N PHE B 38 14.95 -2.98 -4.86
CA PHE B 38 13.88 -2.54 -3.99
C PHE B 38 13.18 -1.40 -4.72
N ARG B 39 11.85 -1.43 -4.74
CA ARG B 39 11.07 -0.50 -5.54
C ARG B 39 9.79 -0.12 -4.82
N ILE B 40 9.44 1.16 -4.94
CA ILE B 40 8.19 1.70 -4.42
C ILE B 40 7.58 2.53 -5.56
N VAL B 41 6.35 2.21 -5.95
CA VAL B 41 5.71 2.85 -7.10
C VAL B 41 4.60 3.77 -6.59
N GLN B 42 4.51 4.98 -7.14
CA GLN B 42 3.46 5.90 -6.76
C GLN B 42 2.93 6.63 -8.00
N HIS B 43 1.71 7.18 -7.89
CA HIS B 43 1.18 7.99 -8.99
C HIS B 43 1.95 9.30 -8.98
N LYS B 44 2.00 9.97 -10.13
CA LYS B 44 2.77 11.22 -10.21
C LYS B 44 2.31 12.27 -9.20
N ARG B 45 1.05 12.27 -8.81
CA ARG B 45 0.60 13.25 -7.83
C ARG B 45 1.36 13.10 -6.52
N ASP B 46 1.96 11.92 -6.29
CA ASP B 46 2.64 11.68 -5.02
C ASP B 46 4.14 11.57 -5.16
N ILE B 47 4.68 12.13 -6.23
CA ILE B 47 6.11 11.99 -6.47
C ILE B 47 6.91 12.60 -5.33
N GLN B 48 6.33 13.55 -4.61
CA GLN B 48 6.97 14.13 -3.44
C GLN B 48 7.37 13.05 -2.41
N VAL B 49 6.46 12.12 -2.13
CA VAL B 49 6.75 11.02 -1.22
C VAL B 49 7.97 10.22 -1.70
N LEU B 50 8.09 10.03 -3.01
CA LEU B 50 9.23 9.23 -3.51
C LEU B 50 10.55 9.95 -3.21
N TYR B 51 10.57 11.27 -3.44
CA TYR B 51 11.77 12.03 -3.12
C TYR B 51 12.03 12.08 -1.63
N ALA B 52 10.96 12.10 -0.84
CA ALA B 52 11.14 12.09 0.60
C ALA B 52 11.72 10.75 1.06
N LEU B 53 11.31 9.66 0.42
CA LEU B 53 11.87 8.35 0.75
C LEU B 53 13.31 8.22 0.28
N ARG B 54 13.65 8.81 -0.87
CA ARG B 54 15.03 8.81 -1.31
C ARG B 54 15.89 9.55 -0.29
N LYS B 55 15.36 10.63 0.29
CA LYS B 55 16.11 11.44 1.24
C LYS B 55 16.30 10.65 2.51
N PHE B 56 15.24 9.96 2.95
CA PHE B 56 15.27 9.13 4.14
C PHE B 56 16.39 8.10 4.11
N PHE B 57 16.50 7.35 3.02
CA PHE B 57 17.53 6.32 2.89
C PHE B 57 18.87 6.88 2.41
N GLY B 58 18.87 8.12 1.94
CA GLY B 58 20.08 8.74 1.43
C GLY B 58 20.57 8.22 0.09
N CYS B 59 19.73 7.49 -0.62
CA CYS B 59 20.14 6.94 -1.92
C CYS B 59 18.95 6.45 -2.72
N GLY B 60 19.15 6.22 -4.01
CA GLY B 60 18.12 5.67 -4.85
C GLY B 60 17.90 6.52 -6.07
N VAL B 61 17.05 6.05 -6.97
CA VAL B 61 16.76 6.76 -8.19
C VAL B 61 15.25 6.92 -8.23
N VAL B 62 14.79 8.14 -8.49
CA VAL B 62 13.39 8.33 -8.78
C VAL B 62 13.27 8.51 -10.28
N ARG B 63 12.43 7.68 -10.89
CA ARG B 63 12.31 7.62 -12.33
C ARG B 63 10.88 7.28 -12.72
N LYS B 64 10.52 7.51 -13.98
CA LYS B 64 9.21 7.19 -14.49
C LYS B 64 9.23 5.75 -14.95
N ASN B 65 8.15 5.01 -14.67
CA ASN B 65 8.00 3.67 -15.22
C ASN B 65 8.10 3.64 -16.74
N ARG B 69 2.80 6.95 -12.80
CA ARG B 69 3.63 5.79 -12.66
C ARG B 69 5.10 6.16 -12.45
N TYR B 70 5.42 6.76 -11.32
CA TYR B 70 6.84 7.00 -11.05
C TYR B 70 7.29 5.97 -10.02
N GLU B 71 8.61 5.85 -9.86
CA GLU B 71 9.21 4.75 -9.10
C GLU B 71 10.40 5.24 -8.28
N LEU B 72 10.51 4.84 -7.01
CA LEU B 72 11.80 4.91 -6.34
C LEU B 72 12.41 3.53 -6.50
N ARG B 73 13.58 3.47 -7.14
CA ARG B 73 14.22 2.20 -7.38
C ARG B 73 15.61 2.19 -6.80
N ILE B 74 15.92 1.18 -6.01
CA ILE B 74 17.21 1.10 -5.37
C ILE B 74 17.92 -0.16 -5.85
N ARG B 75 19.06 0.00 -6.49
CA ARG B 75 19.80 -1.11 -7.07
C ARG B 75 21.22 -1.21 -6.58
N LYS B 76 21.83 -0.06 -6.27
CA LYS B 76 23.21 -0.08 -5.82
C LYS B 76 23.34 -0.83 -4.50
N ARG B 77 24.28 -1.75 -4.45
CA ARG B 77 24.40 -2.63 -3.30
C ARG B 77 24.67 -1.86 -2.01
N SER B 78 25.45 -0.79 -2.09
CA SER B 78 25.68 0.07 -0.94
C SER B 78 24.37 0.64 -0.39
N CYS B 79 23.51 1.12 -1.28
CA CYS B 79 22.21 1.66 -0.89
C CYS B 79 21.30 0.55 -0.35
N LEU B 80 21.28 -0.59 -1.03
CA LEU B 80 20.50 -1.74 -0.57
C LEU B 80 20.91 -2.19 0.82
N LYS B 81 22.17 -1.95 1.17
CA LYS B 81 22.69 -2.35 2.47
C LYS B 81 22.02 -1.51 3.56
N LYS B 82 21.93 -0.22 3.29
CA LYS B 82 21.24 0.71 4.17
C LYS B 82 19.76 0.35 4.30
N VAL B 83 19.12 -0.03 3.19
CA VAL B 83 17.74 -0.48 3.27
C VAL B 83 17.62 -1.70 4.19
N VAL B 84 18.48 -2.70 3.96
CA VAL B 84 18.51 -3.90 4.78
C VAL B 84 18.72 -3.61 6.26
N GLU B 85 19.72 -2.79 6.58
CA GLU B 85 19.90 -2.50 8.01
C GLU B 85 18.77 -1.67 8.62
N PHE B 86 18.08 -0.86 7.82
CA PHE B 86 16.92 -0.14 8.36
C PHE B 86 15.86 -1.14 8.82
N PHE B 87 15.51 -2.09 7.94
CA PHE B 87 14.44 -3.04 8.23
C PHE B 87 14.79 -4.17 9.23
N GLU B 88 16.07 -4.28 9.59
CA GLU B 88 16.49 -5.12 10.72
C GLU B 88 16.22 -4.43 12.06
N LYS B 89 16.43 -3.12 12.08
CA LYS B 89 16.16 -2.33 13.30
C LYS B 89 14.68 -2.02 13.44
N HIS B 90 13.98 -2.00 12.31
CA HIS B 90 12.55 -1.64 12.24
C HIS B 90 11.87 -2.65 11.33
N PRO B 91 11.40 -3.76 11.89
CA PRO B 91 10.93 -4.84 11.03
C PRO B 91 9.57 -4.58 10.35
N LEU B 92 9.41 -5.14 9.16
CA LEU B 92 8.15 -5.09 8.45
C LEU B 92 7.12 -5.92 9.19
N LYS B 93 5.85 -5.65 8.93
CA LYS B 93 4.77 -6.25 9.72
C LYS B 93 3.96 -7.27 8.92
N THR B 94 3.92 -7.10 7.61
CA THR B 94 3.14 -7.96 6.73
C THR B 94 4.01 -9.12 6.28
N LYS B 95 3.57 -9.85 5.27
CA LYS B 95 4.35 -10.92 4.67
C LYS B 95 5.56 -10.40 3.91
N LYS B 96 5.58 -9.10 3.60
CA LYS B 96 6.79 -8.49 3.05
C LYS B 96 8.02 -8.79 3.93
N ASN B 97 7.80 -9.05 5.22
CA ASN B 97 8.91 -9.42 6.12
C ASN B 97 9.61 -10.70 5.65
N VAL B 98 8.82 -11.63 5.10
CA VAL B 98 9.36 -12.90 4.65
C VAL B 98 10.14 -12.72 3.34
N ASP B 99 9.56 -11.98 2.38
CA ASP B 99 10.31 -11.56 1.19
C ASP B 99 11.57 -10.80 1.59
N PHE B 100 11.45 -9.96 2.60
CA PHE B 100 12.62 -9.21 3.04
C PHE B 100 13.76 -10.13 3.49
N LYS B 101 13.42 -11.13 4.30
CA LYS B 101 14.45 -12.04 4.80
C LYS B 101 15.14 -12.92 3.74
N LYS B 102 14.40 -13.30 2.70
CA LYS B 102 15.02 -14.01 1.60
C LYS B 102 15.88 -13.07 0.80
N PHE B 103 15.39 -11.85 0.61
CA PHE B 103 16.11 -10.80 -0.11
C PHE B 103 17.45 -10.53 0.57
N ARG B 104 17.40 -10.46 1.90
CA ARG B 104 18.59 -10.15 2.67
C ARG B 104 19.61 -11.28 2.56
N ARG B 105 19.12 -12.50 2.66
CA ARG B 105 20.00 -13.66 2.55
C ARG B 105 20.74 -13.67 1.21
N ILE B 106 20.04 -13.42 0.11
CA ILE B 106 20.69 -13.32 -1.20
C ILE B 106 21.71 -12.18 -1.27
N LEU B 107 21.38 -11.05 -0.66
CA LEU B 107 22.26 -9.88 -0.67
C LEU B 107 23.58 -10.16 0.04
N ILE B 108 23.48 -10.88 1.17
CA ILE B 108 24.64 -11.29 1.94
C ILE B 108 25.49 -12.21 1.08
N MET B 109 24.89 -13.27 0.55
CA MET B 109 25.59 -14.17 -0.37
C MET B 109 26.32 -13.42 -1.49
N MET B 110 25.69 -12.42 -2.09
CA MET B 110 26.33 -11.67 -3.16
C MET B 110 27.49 -10.81 -2.69
N GLU B 111 27.32 -10.16 -1.54
CA GLU B 111 28.37 -9.33 -0.98
C GLU B 111 29.60 -10.17 -0.65
N ARG B 112 29.36 -11.42 -0.30
CA ARG B 112 30.43 -12.34 0.03
C ARG B 112 30.86 -13.16 -1.19
N GLY B 113 30.32 -12.81 -2.35
CA GLY B 113 30.73 -13.37 -3.63
C GLY B 113 30.28 -14.78 -3.92
N GLU B 114 29.27 -15.25 -3.20
CA GLU B 114 28.83 -16.64 -3.41
C GLU B 114 28.13 -16.86 -4.75
N HIS B 115 27.60 -15.80 -5.35
CA HIS B 115 26.88 -15.93 -6.61
C HIS B 115 27.81 -16.23 -7.77
N LEU B 116 29.12 -16.11 -7.54
CA LEU B 116 30.10 -16.35 -8.61
C LEU B 116 30.39 -17.84 -8.86
N THR B 117 29.78 -18.72 -8.07
CA THR B 117 29.88 -20.14 -8.37
C THR B 117 28.57 -20.67 -8.86
N LYS B 118 28.61 -21.80 -9.57
CA LYS B 118 27.42 -22.46 -10.07
C LYS B 118 26.50 -22.84 -8.93
N GLU B 119 27.06 -23.38 -7.86
CA GLU B 119 26.27 -23.78 -6.69
C GLU B 119 25.69 -22.60 -5.93
N GLY B 120 26.38 -21.48 -5.87
CA GLY B 120 25.83 -20.34 -5.15
C GLY B 120 24.68 -19.73 -5.94
N LEU B 121 24.85 -19.67 -7.26
CA LEU B 121 23.83 -19.16 -8.17
C LEU B 121 22.57 -19.99 -8.01
N ILE B 122 22.78 -21.31 -7.99
CA ILE B 122 21.67 -22.25 -7.83
C ILE B 122 20.94 -22.03 -6.52
N LYS B 123 21.70 -21.81 -5.45
CA LYS B 123 21.15 -21.58 -4.11
C LYS B 123 20.29 -20.33 -4.09
N ILE B 124 20.79 -19.28 -4.74
CA ILE B 124 20.13 -17.99 -4.84
C ILE B 124 18.80 -18.10 -5.61
N LEU B 125 18.83 -18.80 -6.73
CA LEU B 125 17.64 -19.05 -7.53
C LEU B 125 16.57 -19.79 -6.70
N GLU B 126 17.00 -20.73 -5.90
CA GLU B 126 16.06 -21.48 -5.08
C GLU B 126 15.42 -20.56 -4.03
N ILE B 127 16.24 -19.73 -3.38
CA ILE B 127 15.70 -18.80 -2.41
C ILE B 127 14.73 -17.81 -3.08
N ALA B 128 15.11 -17.24 -4.22
CA ALA B 128 14.21 -16.37 -4.96
C ALA B 128 12.86 -17.01 -5.30
N MET B 129 12.88 -18.29 -5.66
CA MET B 129 11.62 -18.99 -5.97
C MET B 129 10.70 -19.14 -4.75
N GLU B 130 11.21 -18.91 -3.55
CA GLU B 130 10.36 -18.94 -2.36
C GLU B 130 9.75 -17.57 -2.02
N MET B 131 10.16 -16.53 -2.76
CA MET B 131 9.67 -15.18 -2.55
C MET B 131 8.32 -15.02 -3.27
N ASN B 132 7.49 -14.12 -2.76
CA ASN B 132 6.19 -13.86 -3.37
C ASN B 132 6.26 -13.01 -4.64
N THR B 133 7.32 -12.23 -4.76
CA THR B 133 7.49 -11.36 -5.91
C THR B 133 7.95 -12.09 -7.17
N GLY B 134 7.11 -11.96 -8.20
CA GLY B 134 7.00 -12.79 -9.39
C GLY B 134 8.11 -13.69 -9.87
N ASN B 135 8.08 -13.97 -11.16
CA ASN B 135 9.16 -14.58 -11.91
C ASN B 135 9.48 -16.05 -11.61
N HIS B 136 8.59 -16.71 -10.89
CA HIS B 136 8.81 -18.12 -10.51
C HIS B 136 9.07 -19.06 -11.67
N GLU B 137 8.22 -19.00 -12.69
CA GLU B 137 8.39 -19.79 -13.88
C GLU B 137 9.70 -19.43 -14.55
N ARG B 138 10.00 -18.14 -14.58
CA ARG B 138 11.23 -17.68 -15.21
C ARG B 138 12.44 -18.13 -14.44
N LEU B 139 12.39 -18.11 -13.10
CA LEU B 139 13.49 -18.64 -12.29
C LEU B 139 13.64 -20.13 -12.52
N LYS B 140 12.51 -20.82 -12.57
CA LYS B 140 12.52 -22.26 -12.89
C LYS B 140 13.23 -22.57 -14.21
N ARG B 141 12.97 -21.76 -15.22
CA ARG B 141 13.56 -21.99 -16.54
C ARG B 141 15.05 -21.72 -16.55
N THR B 142 15.50 -20.73 -15.80
CA THR B 142 16.95 -20.52 -15.75
C THR B 142 17.64 -21.60 -14.90
N LEU B 143 17.03 -22.03 -13.80
CA LEU B 143 17.55 -23.22 -13.09
C LEU B 143 17.76 -24.41 -14.01
N GLU B 144 16.82 -24.63 -14.92
CA GLU B 144 16.94 -25.73 -15.90
C GLU B 144 18.10 -25.56 -16.89
N GLU B 145 18.38 -24.31 -17.27
CA GLU B 145 19.48 -24.03 -18.20
C GLU B 145 20.81 -24.24 -17.51
N ILE B 146 20.92 -23.78 -16.26
CA ILE B 146 22.16 -23.91 -15.50
C ILE B 146 22.54 -25.38 -15.24
N ARG B 147 21.53 -26.24 -15.07
CA ARG B 147 21.75 -27.67 -14.81
C ARG B 147 21.95 -28.54 -16.06
#